data_6HUA
#
_entry.id   6HUA
#
_cell.length_a   60.190
_cell.length_b   84.030
_cell.length_c   152.750
_cell.angle_alpha   90.000
_cell.angle_beta   90.000
_cell.angle_gamma   90.000
#
_symmetry.space_group_name_H-M   'P 21 21 21'
#
loop_
_entity.id
_entity.type
_entity.pdbx_description
1 polymer 'Uncharacterized protein'
2 polymer 'XIP signaling peptide'
#
loop_
_entity_poly.entity_id
_entity_poly.type
_entity_poly.pdbx_seq_one_letter_code
_entity_poly.pdbx_strand_id
1 'polypeptide(L)'
;MSIKDSIGLRIKTERECQQMSREVLCLDGAELTVRQLIRIEKGESLPSLDKLSYIAKRLGKSMADLLDHDRIEIPDTYYE
MKNRLIKFPTYGDKERVKQKLDLIEDVYNQFFDILPEEELLTLDILENILSFTSWEERPKVEEIYEDLFEQVKRKKKFST
NDLLVIDYYFYHLYGRKQYDKKIFDRIVDRVLKQNIPTDDAYNIALFNDLMAIAGLKISLESFKDFLTVIDKLLAVIEKS
QFHSYKPGVYILEAKYELIHNGNKKKATENYDKAIMFASVLEDSVLEEKTRAEKAADGLGAGWSHPQFEK
;
A,B
2 'polypeptide(L)' VPFFMIYY C,D
#
# COMPACT_ATOMS: atom_id res chain seq x y z
N ILE A 3 -13.34 27.77 15.86
CA ILE A 3 -13.69 27.88 14.46
C ILE A 3 -14.29 29.25 14.17
N LYS A 4 -14.90 29.86 15.18
CA LYS A 4 -15.52 31.17 15.04
C LYS A 4 -14.53 32.23 14.58
N ASP A 5 -13.39 32.29 15.26
CA ASP A 5 -12.37 33.30 14.96
C ASP A 5 -11.56 32.92 13.73
N SER A 6 -11.54 31.63 13.41
CA SER A 6 -10.79 31.15 12.26
C SER A 6 -11.46 31.58 10.96
N ILE A 7 -12.77 31.38 10.86
CA ILE A 7 -13.52 31.77 9.68
C ILE A 7 -13.63 33.29 9.60
N GLY A 8 -13.72 33.94 10.76
CA GLY A 8 -13.79 35.39 10.83
C GLY A 8 -12.52 36.02 10.32
N LEU A 9 -11.39 35.37 10.59
CA LEU A 9 -10.10 35.80 10.09
C LEU A 9 -10.01 35.53 8.58
N ARG A 10 -10.52 34.37 8.18
CA ARG A 10 -10.50 33.97 6.77
C ARG A 10 -11.30 34.95 5.91
N ILE A 11 -12.43 35.41 6.44
CA ILE A 11 -13.26 36.38 5.74
C ILE A 11 -12.54 37.71 5.58
N LYS A 12 -11.97 38.19 6.68
CA LYS A 12 -11.24 39.47 6.67
C LYS A 12 -10.02 39.41 5.76
N THR A 13 -9.16 38.42 6.00
CA THR A 13 -7.92 38.24 5.23
C THR A 13 -8.20 38.21 3.72
N GLU A 14 -9.21 37.45 3.33
CA GLU A 14 -9.60 37.37 1.92
C GLU A 14 -10.05 38.73 1.40
N ARG A 15 -10.77 39.46 2.24
CA ARG A 15 -11.24 40.79 1.88
C ARG A 15 -10.07 41.75 1.70
N GLU A 16 -9.01 41.55 2.50
CA GLU A 16 -7.81 42.37 2.40
C GLU A 16 -7.10 42.11 1.08
N CYS A 17 -7.05 40.84 0.67
CA CYS A 17 -6.41 40.46 -0.58
C CYS A 17 -7.17 41.00 -1.79
N GLN A 18 -8.48 41.10 -1.66
CA GLN A 18 -9.32 41.65 -2.71
C GLN A 18 -9.26 43.18 -2.71
N GLN A 19 -8.67 43.73 -1.65
CA GLN A 19 -8.58 45.18 -1.43
C GLN A 19 -9.96 45.84 -1.44
N MET A 20 -10.98 45.09 -1.06
CA MET A 20 -12.32 45.62 -0.95
C MET A 20 -12.59 46.08 0.48
N SER A 21 -13.31 47.20 0.62
CA SER A 21 -13.63 47.73 1.94
C SER A 21 -15.00 47.24 2.41
N ARG A 22 -15.28 47.43 3.68
CA ARG A 22 -16.57 47.03 4.25
C ARG A 22 -17.70 47.89 3.67
N GLU A 23 -17.40 49.16 3.43
CA GLU A 23 -18.38 50.10 2.92
C GLU A 23 -18.76 49.79 1.48
N VAL A 24 -17.84 49.15 0.75
CA VAL A 24 -18.06 48.82 -0.65
C VAL A 24 -19.04 47.65 -0.79
N LEU A 25 -19.01 46.74 0.18
CA LEU A 25 -19.79 45.51 0.10
C LEU A 25 -21.29 45.75 0.17
N CYS A 26 -21.70 46.77 0.93
CA CYS A 26 -23.11 47.06 1.11
C CYS A 26 -23.38 48.55 1.20
N LEU A 27 -23.73 49.15 0.06
CA LEU A 27 -24.09 50.56 0.02
C LEU A 27 -25.37 50.77 0.80
N ASP A 28 -26.33 49.87 0.62
CA ASP A 28 -27.58 49.92 1.34
C ASP A 28 -27.40 49.54 2.80
N GLY A 29 -26.61 48.50 3.04
CA GLY A 29 -26.36 48.02 4.39
C GLY A 29 -27.58 47.34 4.98
N ALA A 30 -28.55 47.03 4.14
CA ALA A 30 -29.78 46.39 4.57
C ALA A 30 -29.59 44.91 4.84
N GLU A 31 -29.00 44.21 3.87
CA GLU A 31 -28.75 42.78 3.98
C GLU A 31 -27.67 42.51 5.03
N LEU A 32 -26.65 43.36 5.06
CA LEU A 32 -25.57 43.24 6.02
C LEU A 32 -25.28 44.56 6.71
N THR A 33 -25.60 44.64 8.00
CA THR A 33 -25.22 45.81 8.78
C THR A 33 -23.71 45.79 8.97
N VAL A 34 -23.08 46.95 8.83
CA VAL A 34 -21.63 47.05 8.97
C VAL A 34 -21.21 46.59 10.36
N ARG A 35 -22.05 46.86 11.35
CA ARG A 35 -21.83 46.42 12.72
C ARG A 35 -21.67 44.90 12.81
N GLN A 36 -22.50 44.19 12.06
CA GLN A 36 -22.48 42.73 12.07
C GLN A 36 -21.14 42.18 11.56
N LEU A 37 -20.72 42.62 10.38
CA LEU A 37 -19.48 42.15 9.78
C LEU A 37 -18.27 42.41 10.66
N ILE A 38 -18.19 43.63 11.20
CA ILE A 38 -17.09 44.01 12.08
C ILE A 38 -17.04 43.09 13.30
N ARG A 39 -18.21 42.80 13.87
CA ARG A 39 -18.30 41.89 15.01
C ARG A 39 -17.91 40.47 14.62
N ILE A 40 -18.25 40.07 13.39
CA ILE A 40 -17.90 38.74 12.89
C ILE A 40 -16.39 38.60 12.71
N GLU A 41 -15.77 39.64 12.13
CA GLU A 41 -14.32 39.64 11.92
C GLU A 41 -13.57 39.64 13.24
N LYS A 42 -14.20 40.19 14.29
CA LYS A 42 -13.61 40.16 15.63
C LYS A 42 -13.57 38.74 16.16
N GLY A 43 -14.47 37.89 15.65
CA GLY A 43 -14.51 36.50 16.05
C GLY A 43 -15.39 36.27 17.26
N GLU A 44 -15.95 37.36 17.78
CA GLU A 44 -16.78 37.30 18.99
C GLU A 44 -18.17 36.75 18.69
N SER A 45 -18.59 36.84 17.44
CA SER A 45 -19.91 36.37 17.04
C SER A 45 -19.83 35.37 15.89
N LEU A 46 -20.56 34.27 16.04
CA LEU A 46 -20.62 33.25 14.99
C LEU A 46 -21.40 33.79 13.80
N PRO A 47 -20.76 33.79 12.61
CA PRO A 47 -21.44 34.23 11.39
C PRO A 47 -22.56 33.29 10.98
N SER A 48 -23.80 33.78 11.03
CA SER A 48 -24.95 32.99 10.64
C SER A 48 -24.82 32.55 9.18
N LEU A 49 -25.43 31.42 8.84
CA LEU A 49 -25.26 30.81 7.53
C LEU A 49 -25.68 31.72 6.38
N ASP A 50 -26.66 32.59 6.63
CA ASP A 50 -27.12 33.52 5.61
C ASP A 50 -26.06 34.56 5.31
N LYS A 51 -25.24 34.88 6.31
CA LYS A 51 -24.15 35.82 6.14
C LYS A 51 -23.04 35.21 5.30
N LEU A 52 -22.77 33.93 5.54
CA LEU A 52 -21.75 33.19 4.80
C LEU A 52 -22.12 33.10 3.31
N SER A 53 -23.42 32.97 3.03
CA SER A 53 -23.89 32.88 1.66
C SER A 53 -23.73 34.21 0.93
N TYR A 54 -23.95 35.30 1.65
CA TYR A 54 -23.86 36.64 1.08
C TYR A 54 -22.40 37.03 0.79
N ILE A 55 -21.56 36.89 1.80
CA ILE A 55 -20.15 37.31 1.69
C ILE A 55 -19.40 36.51 0.62
N ALA A 56 -19.88 35.31 0.34
CA ALA A 56 -19.27 34.47 -0.69
C ALA A 56 -19.84 34.80 -2.06
N LYS A 57 -21.11 35.18 -2.08
CA LYS A 57 -21.78 35.54 -3.33
C LYS A 57 -21.20 36.84 -3.87
N ARG A 58 -20.80 37.72 -2.98
CA ARG A 58 -20.16 38.97 -3.35
C ARG A 58 -18.70 38.75 -3.73
N LEU A 59 -18.02 37.91 -2.95
CA LEU A 59 -16.60 37.63 -3.16
C LEU A 59 -16.33 37.03 -4.53
N GLY A 60 -17.34 36.43 -5.13
CA GLY A 60 -17.19 35.78 -6.42
C GLY A 60 -16.59 34.40 -6.27
N LYS A 61 -16.54 33.92 -5.03
CA LYS A 61 -16.01 32.61 -4.73
C LYS A 61 -17.03 31.77 -3.97
N SER A 62 -17.16 30.51 -4.35
CA SER A 62 -18.15 29.61 -3.74
C SER A 62 -17.84 29.36 -2.27
N MET A 63 -18.88 29.03 -1.51
CA MET A 63 -18.72 28.71 -0.10
C MET A 63 -17.92 27.42 0.08
N ALA A 64 -18.03 26.52 -0.90
CA ALA A 64 -17.40 25.20 -0.80
C ALA A 64 -15.88 25.28 -0.83
N ASP A 65 -15.33 25.82 -1.92
CA ASP A 65 -13.90 25.71 -2.21
C ASP A 65 -12.98 26.24 -1.10
N LEU A 66 -13.32 27.39 -0.53
CA LEU A 66 -12.44 28.02 0.46
C LEU A 66 -12.66 27.44 1.85
N LEU A 67 -13.89 27.00 2.14
CA LEU A 67 -14.18 26.38 3.42
C LEU A 67 -13.69 24.93 3.44
N ASP A 68 -13.74 24.28 2.28
CA ASP A 68 -13.23 22.91 2.14
C ASP A 68 -11.72 22.90 2.38
N HIS A 69 -11.08 24.03 2.11
CA HIS A 69 -9.63 24.17 2.19
C HIS A 69 -8.96 23.20 1.23
N ILE A 72 -11.41 20.60 9.72
CA ILE A 72 -9.98 20.58 9.43
C ILE A 72 -9.58 19.23 8.82
N GLU A 73 -8.40 19.18 8.23
CA GLU A 73 -7.94 17.98 7.55
C GLU A 73 -7.03 17.12 8.43
N ILE A 74 -6.77 15.89 7.97
CA ILE A 74 -5.85 15.00 8.65
C ILE A 74 -4.52 14.95 7.90
N PRO A 75 -3.42 15.26 8.61
CA PRO A 75 -2.08 15.28 8.01
C PRO A 75 -1.66 13.91 7.48
N ASP A 76 -0.88 13.91 6.40
CA ASP A 76 -0.45 12.67 5.76
C ASP A 76 0.56 11.91 6.61
N THR A 77 1.24 12.62 7.50
CA THR A 77 2.28 12.02 8.33
C THR A 77 1.72 10.96 9.27
N TYR A 78 0.46 11.12 9.67
CA TYR A 78 -0.20 10.15 10.54
C TYR A 78 -0.36 8.80 9.85
N TYR A 79 -0.72 8.85 8.57
CA TYR A 79 -0.92 7.63 7.78
C TYR A 79 0.39 6.91 7.56
N GLU A 80 1.50 7.65 7.56
CA GLU A 80 2.82 7.06 7.46
C GLU A 80 3.11 6.24 8.71
N MET A 81 2.77 6.81 9.86
CA MET A 81 2.98 6.15 11.15
C MET A 81 1.99 4.99 11.31
N LYS A 82 0.79 5.15 10.76
CA LYS A 82 -0.20 4.08 10.79
C LYS A 82 0.23 2.91 9.93
N ASN A 83 0.85 3.22 8.79
CA ASN A 83 1.41 2.20 7.92
C ASN A 83 2.50 1.41 8.63
N ARG A 84 3.26 2.09 9.49
CA ARG A 84 4.31 1.44 10.26
C ARG A 84 3.72 0.52 11.32
N LEU A 85 2.47 0.76 11.67
CA LEU A 85 1.81 -0.01 12.73
C LEU A 85 1.21 -1.33 12.24
N ILE A 86 0.66 -1.32 11.02
CA ILE A 86 -0.10 -2.48 10.54
C ILE A 86 0.61 -3.27 9.45
N LYS A 87 1.47 -2.61 8.68
CA LYS A 87 2.13 -3.27 7.55
C LYS A 87 3.53 -3.77 7.92
N PHE A 88 3.76 -3.95 9.21
CA PHE A 88 5.04 -4.45 9.69
C PHE A 88 4.85 -5.54 10.74
N PRO A 89 4.72 -6.80 10.29
CA PRO A 89 4.52 -7.95 11.18
C PRO A 89 5.65 -8.09 12.20
N THR A 90 5.30 -8.21 13.48
CA THR A 90 6.27 -8.31 14.54
C THR A 90 6.48 -9.75 14.98
N TYR A 91 5.48 -10.59 14.72
CA TYR A 91 5.51 -12.01 15.05
C TYR A 91 5.75 -12.24 16.55
N GLY A 92 5.27 -11.30 17.36
CA GLY A 92 5.38 -11.43 18.81
C GLY A 92 6.79 -11.25 19.34
N ASP A 93 7.64 -10.60 18.55
CA ASP A 93 9.02 -10.34 18.96
C ASP A 93 9.05 -9.35 20.12
N LYS A 94 10.04 -9.50 21.00
CA LYS A 94 10.18 -8.68 22.19
C LYS A 94 10.34 -7.19 21.86
N GLU A 95 11.30 -6.88 20.99
CA GLU A 95 11.65 -5.51 20.69
C GLU A 95 10.77 -4.90 19.59
N ARG A 96 10.25 -5.74 18.70
CA ARG A 96 9.47 -5.26 17.58
C ARG A 96 8.08 -4.77 18.00
N VAL A 97 7.62 -5.20 19.18
CA VAL A 97 6.32 -4.76 19.67
C VAL A 97 6.46 -3.57 20.61
N LYS A 98 7.61 -3.47 21.29
CA LYS A 98 7.88 -2.33 22.16
C LYS A 98 8.07 -1.08 21.32
N GLN A 99 8.70 -1.26 20.16
CA GLN A 99 8.92 -0.17 19.22
C GLN A 99 7.60 0.38 18.69
N LYS A 100 6.62 -0.51 18.51
CA LYS A 100 5.31 -0.10 18.04
C LYS A 100 4.47 0.55 19.14
N LEU A 101 4.58 0.03 20.36
CA LEU A 101 3.86 0.61 21.49
C LEU A 101 4.40 2.00 21.80
N ASP A 102 5.70 2.19 21.61
CA ASP A 102 6.30 3.51 21.72
C ASP A 102 5.78 4.42 20.62
N LEU A 103 5.51 3.83 19.46
CA LEU A 103 4.99 4.58 18.32
C LEU A 103 3.55 5.01 18.54
N ILE A 104 2.75 4.11 19.13
CA ILE A 104 1.35 4.41 19.40
C ILE A 104 1.22 5.58 20.36
N GLU A 105 2.05 5.60 21.40
CA GLU A 105 2.08 6.73 22.33
C GLU A 105 2.46 8.01 21.58
N ASP A 106 3.42 7.89 20.67
CA ASP A 106 3.85 9.02 19.86
C ASP A 106 2.71 9.52 18.97
N VAL A 107 1.94 8.60 18.40
CA VAL A 107 0.78 8.95 17.59
C VAL A 107 -0.26 9.66 18.45
N TYR A 108 -0.49 9.13 19.65
CA TYR A 108 -1.40 9.76 20.61
C TYR A 108 -0.89 11.14 21.01
N ASN A 109 0.42 11.25 21.22
CA ASN A 109 1.01 12.52 21.63
C ASN A 109 1.27 13.46 20.45
N GLN A 110 0.60 13.21 19.34
CA GLN A 110 0.82 14.01 18.13
C GLN A 110 -0.43 14.18 17.27
N PHE A 111 -1.42 13.31 17.46
CA PHE A 111 -2.63 13.35 16.62
C PHE A 111 -3.94 13.04 17.37
N PHE A 112 -3.89 13.05 18.70
CA PHE A 112 -5.03 12.62 19.51
C PHE A 112 -6.32 13.41 19.24
N ASP A 113 -6.18 14.70 18.96
CA ASP A 113 -7.33 15.58 18.83
C ASP A 113 -8.00 15.53 17.45
N ILE A 114 -7.20 15.30 16.41
CA ILE A 114 -7.69 15.44 15.04
C ILE A 114 -8.44 14.22 14.53
N LEU A 115 -7.96 13.03 14.89
CA LEU A 115 -8.53 11.77 14.38
C LEU A 115 -10.00 11.59 14.70
N PRO A 116 -10.75 10.99 13.77
CA PRO A 116 -12.15 10.60 14.01
C PRO A 116 -12.24 9.51 15.08
N GLU A 117 -13.38 9.42 15.75
CA GLU A 117 -13.57 8.47 16.85
C GLU A 117 -13.32 7.03 16.44
N GLU A 118 -13.56 6.72 15.17
CA GLU A 118 -13.32 5.37 14.65
C GLU A 118 -11.84 5.08 14.56
N GLU A 119 -11.04 6.11 14.28
CA GLU A 119 -9.60 5.96 14.17
C GLU A 119 -8.95 5.75 15.53
N LEU A 120 -9.43 6.48 16.54
CA LEU A 120 -8.94 6.30 17.90
C LEU A 120 -9.33 4.93 18.42
N LEU A 121 -10.48 4.44 17.95
CA LEU A 121 -10.93 3.09 18.28
C LEU A 121 -9.99 2.05 17.68
N THR A 122 -9.59 2.28 16.44
CA THR A 122 -8.65 1.39 15.74
C THR A 122 -7.32 1.31 16.49
N LEU A 123 -6.82 2.46 16.92
CA LEU A 123 -5.55 2.54 17.63
C LEU A 123 -5.62 1.84 18.99
N ASP A 124 -6.78 1.93 19.64
CA ASP A 124 -6.95 1.40 20.99
C ASP A 124 -7.03 -0.12 21.01
N ILE A 125 -7.70 -0.70 20.04
CA ILE A 125 -7.90 -2.15 20.01
C ILE A 125 -6.60 -2.91 19.76
N LEU A 126 -5.90 -2.57 18.68
CA LEU A 126 -4.66 -3.27 18.33
C LEU A 126 -3.57 -3.06 19.37
N GLU A 127 -3.68 -1.96 20.12
CA GLU A 127 -2.74 -1.68 21.20
C GLU A 127 -2.89 -2.75 22.29
N ASN A 128 -4.12 -3.20 22.51
CA ASN A 128 -4.38 -4.27 23.46
C ASN A 128 -3.90 -5.62 22.93
N ILE A 129 -3.92 -5.76 21.60
CA ILE A 129 -3.48 -6.99 20.96
C ILE A 129 -1.96 -7.12 21.02
N LEU A 130 -1.28 -5.99 20.83
CA LEU A 130 0.18 -5.96 20.89
C LEU A 130 0.67 -6.24 22.31
N SER A 131 0.03 -5.62 23.30
CA SER A 131 0.42 -5.78 24.69
C SER A 131 -0.16 -7.04 25.31
N PHE A 132 -0.86 -7.83 24.49
CA PHE A 132 -1.48 -9.07 24.95
C PHE A 132 -0.42 -10.10 25.31
N THR A 133 -0.68 -10.86 26.36
CA THR A 133 0.24 -11.91 26.79
C THR A 133 -0.42 -13.28 26.74
N SER A 134 -1.36 -13.51 27.66
CA SER A 134 -2.08 -14.79 27.72
C SER A 134 -3.52 -14.58 28.15
N TRP A 135 -4.30 -15.66 28.16
CA TRP A 135 -5.72 -15.58 28.48
C TRP A 135 -5.98 -15.50 29.97
N GLU A 136 -5.04 -15.99 30.78
CA GLU A 136 -5.21 -16.01 32.23
C GLU A 136 -4.94 -14.65 32.86
N GLU A 137 -4.01 -13.90 32.26
CA GLU A 137 -3.52 -12.68 32.88
C GLU A 137 -4.19 -11.41 32.36
N ARG A 138 -5.10 -11.56 31.40
CA ARG A 138 -5.74 -10.40 30.79
C ARG A 138 -7.26 -10.53 30.75
N PRO A 139 -7.97 -9.38 30.84
CA PRO A 139 -9.44 -9.36 30.86
C PRO A 139 -10.07 -9.90 29.57
N LYS A 140 -11.32 -10.33 29.68
CA LYS A 140 -12.04 -10.88 28.54
C LYS A 140 -12.40 -9.79 27.53
N VAL A 141 -12.76 -10.21 26.32
CA VAL A 141 -13.12 -9.28 25.25
C VAL A 141 -14.39 -8.50 25.61
N GLU A 142 -15.31 -9.16 26.30
CA GLU A 142 -16.55 -8.52 26.73
C GLU A 142 -16.25 -7.40 27.72
N GLU A 143 -15.54 -7.75 28.79
CA GLU A 143 -15.28 -6.83 29.90
C GLU A 143 -14.69 -5.49 29.47
N ILE A 144 -13.95 -5.49 28.36
CA ILE A 144 -13.35 -4.26 27.86
C ILE A 144 -14.24 -3.61 26.79
N TYR A 145 -14.98 -4.43 26.04
CA TYR A 145 -15.89 -3.93 25.02
C TYR A 145 -17.19 -4.73 24.98
N GLU A 146 -18.04 -4.56 25.99
CA GLU A 146 -19.32 -5.27 26.04
C GLU A 146 -20.24 -4.86 24.90
N ASP A 147 -20.40 -3.56 24.72
CA ASP A 147 -21.32 -3.01 23.73
C ASP A 147 -20.89 -3.35 22.30
N LEU A 148 -19.60 -3.28 22.03
CA LEU A 148 -19.07 -3.53 20.69
C LEU A 148 -19.11 -5.01 20.32
N PHE A 149 -18.84 -5.86 21.30
CA PHE A 149 -18.78 -7.30 21.07
C PHE A 149 -20.16 -7.90 20.78
N GLU A 150 -21.18 -7.34 21.41
CA GLU A 150 -22.55 -7.84 21.21
C GLU A 150 -23.12 -7.38 19.87
N GLN A 151 -22.51 -6.35 19.30
CA GLN A 151 -22.98 -5.80 18.03
C GLN A 151 -22.35 -6.55 16.85
N VAL A 152 -21.11 -6.98 17.01
CA VAL A 152 -20.40 -7.67 15.94
C VAL A 152 -20.85 -9.12 15.79
N LYS A 153 -21.48 -9.66 16.83
CA LYS A 153 -21.98 -11.03 16.78
C LYS A 153 -23.26 -11.10 15.95
N ARG A 154 -23.98 -10.00 15.87
CA ARG A 154 -25.26 -9.96 15.17
C ARG A 154 -25.15 -9.24 13.82
N LYS A 155 -24.01 -8.60 13.60
CA LYS A 155 -23.82 -7.81 12.37
C LYS A 155 -23.37 -8.69 11.20
N LYS A 156 -23.89 -8.38 10.02
CA LYS A 156 -23.54 -9.11 8.80
C LYS A 156 -22.16 -8.70 8.28
N LYS A 157 -22.01 -7.43 7.93
CA LYS A 157 -20.75 -6.91 7.40
C LYS A 157 -19.91 -6.23 8.47
N PHE A 158 -18.67 -6.66 8.60
CA PHE A 158 -17.75 -6.06 9.56
C PHE A 158 -16.95 -4.92 8.93
N SER A 159 -16.47 -4.01 9.75
CA SER A 159 -15.53 -2.99 9.31
C SER A 159 -14.13 -3.38 9.74
N THR A 160 -13.18 -2.48 9.55
CA THR A 160 -11.79 -2.74 9.94
C THR A 160 -11.69 -2.91 11.46
N ASN A 161 -12.42 -2.07 12.19
CA ASN A 161 -12.40 -2.10 13.65
C ASN A 161 -13.05 -3.37 14.21
N ASP A 162 -14.09 -3.84 13.54
CA ASP A 162 -14.81 -5.03 13.99
C ASP A 162 -13.93 -6.27 13.84
N LEU A 163 -13.08 -6.28 12.82
CA LEU A 163 -12.16 -7.39 12.61
C LEU A 163 -11.09 -7.41 13.69
N LEU A 164 -10.78 -6.24 14.22
CA LEU A 164 -9.74 -6.09 15.24
C LEU A 164 -10.18 -6.65 16.59
N VAL A 165 -11.40 -6.33 17.00
CA VAL A 165 -11.92 -6.80 18.29
C VAL A 165 -12.20 -8.29 18.23
N ILE A 166 -12.60 -8.78 17.06
CA ILE A 166 -12.80 -10.21 16.85
C ILE A 166 -11.45 -10.92 16.93
N ASP A 167 -10.41 -10.27 16.41
CA ASP A 167 -9.05 -10.79 16.49
C ASP A 167 -8.62 -10.90 17.94
N TYR A 168 -8.93 -9.86 18.73
CA TYR A 168 -8.61 -9.87 20.16
C TYR A 168 -9.39 -10.95 20.89
N TYR A 169 -10.58 -11.25 20.39
CA TYR A 169 -11.40 -12.33 20.93
C TYR A 169 -10.73 -13.68 20.70
N PHE A 170 -9.98 -13.79 19.61
CA PHE A 170 -9.27 -15.01 19.28
C PHE A 170 -8.05 -15.22 20.18
N TYR A 171 -7.34 -14.14 20.47
CA TYR A 171 -6.17 -14.19 21.34
C TYR A 171 -6.53 -14.68 22.74
N HIS A 172 -7.71 -14.31 23.20
CA HIS A 172 -8.17 -14.66 24.54
C HIS A 172 -8.71 -16.09 24.58
N LEU A 173 -8.77 -16.74 23.42
CA LEU A 173 -9.34 -18.08 23.33
C LEU A 173 -8.28 -19.16 23.13
N TYR A 174 -7.06 -18.76 22.84
CA TYR A 174 -6.00 -19.72 22.56
C TYR A 174 -5.57 -20.48 23.80
N GLY A 175 -5.34 -21.79 23.64
CA GLY A 175 -4.94 -22.65 24.73
C GLY A 175 -5.93 -22.63 25.87
N ARG A 176 -7.21 -22.50 25.52
CA ARG A 176 -8.26 -22.31 26.51
C ARG A 176 -9.48 -23.17 26.21
N LYS A 177 -9.61 -24.27 26.94
CA LYS A 177 -10.81 -25.10 26.87
C LYS A 177 -11.94 -24.40 27.61
N GLN A 178 -13.06 -25.11 27.78
CA GLN A 178 -14.24 -24.54 28.43
C GLN A 178 -14.66 -23.27 27.70
N TYR A 179 -15.07 -23.43 26.44
CA TYR A 179 -15.41 -22.29 25.60
C TYR A 179 -16.72 -22.54 24.85
N ASP A 180 -17.42 -21.45 24.54
CA ASP A 180 -18.65 -21.55 23.76
C ASP A 180 -18.31 -21.82 22.30
N LYS A 181 -18.52 -23.06 21.87
CA LYS A 181 -18.19 -23.48 20.52
C LYS A 181 -19.06 -22.77 19.47
N LYS A 182 -20.32 -22.56 19.83
CA LYS A 182 -21.30 -22.01 18.89
C LYS A 182 -20.99 -20.56 18.51
N ILE A 183 -20.65 -19.74 19.50
CA ILE A 183 -20.26 -18.36 19.25
C ILE A 183 -19.06 -18.33 18.32
N PHE A 184 -18.11 -19.22 18.58
CA PHE A 184 -16.91 -19.34 17.77
C PHE A 184 -17.24 -19.70 16.32
N ASP A 185 -18.06 -20.73 16.13
CA ASP A 185 -18.39 -21.21 14.79
C ASP A 185 -19.29 -20.25 14.03
N ARG A 186 -20.06 -19.44 14.75
CA ARG A 186 -20.87 -18.42 14.11
C ARG A 186 -19.98 -17.32 13.54
N ILE A 187 -19.01 -16.90 14.34
CA ILE A 187 -18.09 -15.82 13.95
C ILE A 187 -17.22 -16.22 12.77
N VAL A 188 -16.63 -17.42 12.82
CA VAL A 188 -15.77 -17.87 11.73
C VAL A 188 -16.54 -18.02 10.43
N ASP A 189 -17.85 -18.21 10.53
CA ASP A 189 -18.70 -18.28 9.35
C ASP A 189 -18.86 -16.89 8.74
N ARG A 190 -19.20 -15.91 9.58
CA ARG A 190 -19.39 -14.55 9.13
C ARG A 190 -18.10 -13.97 8.55
N VAL A 191 -16.97 -14.35 9.13
CA VAL A 191 -15.66 -13.86 8.68
C VAL A 191 -15.33 -14.33 7.27
N LEU A 192 -15.56 -15.62 7.01
CA LEU A 192 -15.26 -16.21 5.70
C LEU A 192 -16.13 -15.62 4.60
N LYS A 193 -17.32 -15.16 4.95
CA LYS A 193 -18.26 -14.64 3.97
C LYS A 193 -17.98 -13.18 3.60
N GLN A 194 -17.05 -12.56 4.32
CA GLN A 194 -16.71 -11.17 4.08
C GLN A 194 -16.00 -10.99 2.74
N ASN A 195 -16.54 -10.10 1.91
CA ASN A 195 -15.94 -9.82 0.61
C ASN A 195 -14.68 -8.98 0.74
N ILE A 196 -13.64 -9.38 0.01
CA ILE A 196 -12.35 -8.69 0.07
C ILE A 196 -12.37 -7.37 -0.70
N PRO A 197 -12.15 -6.26 0.01
CA PRO A 197 -12.15 -4.92 -0.58
C PRO A 197 -10.81 -4.53 -1.17
N THR A 198 -10.64 -3.25 -1.47
CA THR A 198 -9.37 -2.74 -2.00
C THR A 198 -8.55 -2.08 -0.89
N ASP A 199 -9.18 -1.87 0.25
CA ASP A 199 -8.51 -1.25 1.39
C ASP A 199 -7.49 -2.21 2.00
N ASP A 200 -6.27 -1.72 2.22
CA ASP A 200 -5.20 -2.55 2.76
C ASP A 200 -5.46 -2.94 4.22
N ALA A 201 -5.84 -1.96 5.03
CA ALA A 201 -6.04 -2.18 6.47
C ALA A 201 -7.08 -3.25 6.76
N TYR A 202 -8.13 -3.29 5.96
CA TYR A 202 -9.19 -4.27 6.14
C TYR A 202 -8.68 -5.68 5.87
N ASN A 203 -7.91 -5.83 4.80
CA ASN A 203 -7.35 -7.12 4.42
C ASN A 203 -6.34 -7.61 5.45
N ILE A 204 -5.51 -6.68 5.95
CA ILE A 204 -4.55 -7.00 6.99
C ILE A 204 -5.27 -7.46 8.27
N ALA A 205 -6.31 -6.72 8.63
CA ALA A 205 -7.12 -7.07 9.80
C ALA A 205 -7.78 -8.43 9.59
N LEU A 206 -8.37 -8.62 8.41
CA LEU A 206 -8.99 -9.88 8.06
C LEU A 206 -7.98 -11.02 8.07
N PHE A 207 -6.76 -10.73 7.62
CA PHE A 207 -5.70 -11.74 7.58
C PHE A 207 -5.34 -12.20 8.98
N ASN A 208 -5.26 -11.24 9.91
CA ASN A 208 -4.97 -11.55 11.31
C ASN A 208 -6.02 -12.47 11.92
N ASP A 209 -7.28 -12.27 11.54
CA ASP A 209 -8.37 -13.11 12.01
C ASP A 209 -8.26 -14.51 11.46
N LEU A 210 -8.08 -14.62 10.14
CA LEU A 210 -8.00 -15.91 9.47
C LEU A 210 -6.83 -16.76 10.00
N MET A 211 -5.70 -16.10 10.25
CA MET A 211 -4.56 -16.78 10.85
C MET A 211 -4.89 -17.23 12.26
N ALA A 212 -5.63 -16.40 12.98
CA ALA A 212 -6.02 -16.70 14.35
C ALA A 212 -7.06 -17.82 14.39
N ILE A 213 -7.98 -17.81 13.41
CA ILE A 213 -8.98 -18.86 13.31
C ILE A 213 -8.33 -20.22 13.12
N ALA A 214 -7.43 -20.31 12.15
CA ALA A 214 -6.71 -21.55 11.88
C ALA A 214 -5.81 -21.94 13.05
N GLY A 215 -5.32 -20.94 13.76
CA GLY A 215 -4.47 -21.16 14.91
C GLY A 215 -5.19 -21.87 16.04
N LEU A 216 -6.40 -21.41 16.34
CA LEU A 216 -7.22 -22.04 17.37
C LEU A 216 -7.70 -23.41 16.92
N LYS A 217 -7.96 -23.52 15.62
CA LYS A 217 -8.42 -24.78 15.02
C LYS A 217 -7.39 -25.89 15.19
N ILE A 218 -6.12 -25.56 14.99
CA ILE A 218 -5.04 -26.52 15.11
C ILE A 218 -4.85 -26.94 16.57
N SER A 219 -4.86 -25.97 17.47
CA SER A 219 -4.67 -26.23 18.89
C SER A 219 -5.80 -27.09 19.47
N LEU A 220 -7.02 -26.85 19.01
CA LEU A 220 -8.18 -27.61 19.46
C LEU A 220 -8.42 -28.83 18.60
N GLU A 221 -7.53 -29.05 17.64
CA GLU A 221 -7.58 -30.21 16.75
C GLU A 221 -8.90 -30.29 15.97
N SER A 222 -9.49 -29.13 15.70
CA SER A 222 -10.69 -29.05 14.88
C SER A 222 -10.32 -28.58 13.47
N PHE A 223 -10.79 -29.29 12.46
CA PHE A 223 -10.39 -29.01 11.08
C PHE A 223 -11.59 -28.77 10.16
N LYS A 224 -12.68 -28.25 10.72
CA LYS A 224 -13.86 -27.96 9.94
C LYS A 224 -13.65 -26.71 9.08
N ASP A 225 -13.90 -26.86 7.78
CA ASP A 225 -13.72 -25.78 6.80
C ASP A 225 -12.31 -25.22 6.82
N PHE A 226 -11.34 -26.07 7.13
CA PHE A 226 -9.94 -25.66 7.17
C PHE A 226 -9.47 -25.27 5.77
N LEU A 227 -9.93 -26.02 4.78
CA LEU A 227 -9.59 -25.75 3.38
C LEU A 227 -10.16 -24.39 2.97
N THR A 228 -11.34 -24.07 3.49
CA THR A 228 -12.01 -22.81 3.17
C THR A 228 -11.24 -21.63 3.74
N VAL A 229 -10.68 -21.81 4.93
CA VAL A 229 -9.92 -20.76 5.60
C VAL A 229 -8.68 -20.37 4.80
N ILE A 230 -7.93 -21.37 4.35
CA ILE A 230 -6.73 -21.13 3.57
C ILE A 230 -7.07 -20.51 2.21
N ASP A 231 -8.14 -21.01 1.60
CA ASP A 231 -8.59 -20.47 0.31
C ASP A 231 -8.89 -18.97 0.44
N LYS A 232 -9.41 -18.57 1.59
CA LYS A 232 -9.64 -17.16 1.87
C LYS A 232 -8.31 -16.42 2.01
N LEU A 233 -7.38 -17.02 2.75
CA LEU A 233 -6.05 -16.46 2.95
C LEU A 233 -5.35 -16.19 1.62
N LEU A 234 -5.31 -17.21 0.77
CA LEU A 234 -4.66 -17.11 -0.52
C LEU A 234 -5.37 -16.10 -1.42
N ALA A 235 -6.69 -16.04 -1.32
CA ALA A 235 -7.47 -15.09 -2.10
C ALA A 235 -7.18 -13.65 -1.67
N VAL A 236 -6.99 -13.47 -0.36
CA VAL A 236 -6.62 -12.16 0.17
C VAL A 236 -5.26 -11.74 -0.37
N ILE A 237 -4.28 -12.64 -0.27
CA ILE A 237 -2.93 -12.37 -0.73
C ILE A 237 -2.88 -12.07 -2.22
N GLU A 238 -3.67 -12.79 -3.01
CA GLU A 238 -3.72 -12.57 -4.45
C GLU A 238 -4.25 -11.18 -4.80
N LYS A 239 -5.24 -10.73 -4.04
CA LYS A 239 -5.86 -9.43 -4.29
C LYS A 239 -5.09 -8.29 -3.65
N SER A 240 -4.45 -8.56 -2.51
CA SER A 240 -3.75 -7.52 -1.76
C SER A 240 -2.25 -7.49 -2.07
N GLN A 241 -1.78 -8.52 -2.76
CA GLN A 241 -0.36 -8.66 -3.12
C GLN A 241 0.54 -8.65 -1.90
N PHE A 242 0.04 -9.14 -0.78
CA PHE A 242 0.82 -9.25 0.44
C PHE A 242 1.62 -10.54 0.45
N HIS A 243 2.60 -10.64 -0.44
CA HIS A 243 3.43 -11.82 -0.56
C HIS A 243 4.30 -12.04 0.68
N SER A 244 4.45 -10.99 1.47
CA SER A 244 5.22 -11.06 2.71
C SER A 244 4.49 -11.90 3.76
N TYR A 245 3.21 -12.14 3.55
CA TYR A 245 2.39 -12.90 4.49
C TYR A 245 2.32 -14.38 4.10
N LYS A 246 2.66 -14.67 2.85
CA LYS A 246 2.55 -16.02 2.30
C LYS A 246 3.34 -17.11 3.07
N PRO A 247 4.51 -16.78 3.65
CA PRO A 247 5.16 -17.79 4.50
C PRO A 247 4.27 -18.32 5.62
N GLY A 248 3.42 -17.47 6.18
CA GLY A 248 2.54 -17.86 7.26
C GLY A 248 1.54 -18.93 6.88
N VAL A 249 1.07 -18.87 5.63
CA VAL A 249 0.13 -19.86 5.11
C VAL A 249 0.81 -21.22 4.98
N TYR A 250 2.07 -21.20 4.54
CA TYR A 250 2.85 -22.42 4.41
C TYR A 250 3.03 -23.12 5.75
N ILE A 251 3.10 -22.32 6.82
CA ILE A 251 3.20 -22.84 8.17
C ILE A 251 1.89 -23.53 8.58
N LEU A 252 0.77 -22.96 8.14
CA LEU A 252 -0.54 -23.54 8.44
C LEU A 252 -0.75 -24.86 7.71
N GLU A 253 -0.35 -24.92 6.44
CA GLU A 253 -0.47 -26.14 5.66
C GLU A 253 0.47 -27.22 6.21
N ALA A 254 1.54 -26.78 6.86
CA ALA A 254 2.51 -27.68 7.45
C ALA A 254 1.92 -28.44 8.64
N LYS A 255 1.42 -27.70 9.61
CA LYS A 255 0.86 -28.29 10.83
C LYS A 255 -0.41 -29.08 10.52
N TYR A 256 -1.10 -28.70 9.45
CA TYR A 256 -2.30 -29.43 9.03
C TYR A 256 -1.94 -30.81 8.50
N GLU A 257 -1.03 -30.84 7.53
CA GLU A 257 -0.58 -32.08 6.92
C GLU A 257 0.08 -32.98 7.96
N LEU A 258 0.62 -32.36 9.01
CA LEU A 258 1.31 -33.09 10.06
C LEU A 258 0.34 -33.71 11.06
N ILE A 259 -0.70 -32.96 11.42
CA ILE A 259 -1.65 -33.41 12.43
C ILE A 259 -2.84 -34.16 11.82
N HIS A 260 -3.51 -33.52 10.87
CA HIS A 260 -4.72 -34.11 10.27
C HIS A 260 -4.39 -35.32 9.41
N ASN A 261 -3.59 -35.12 8.37
CA ASN A 261 -3.23 -36.20 7.45
C ASN A 261 -2.19 -37.14 8.03
N GLY A 262 -1.50 -36.69 9.09
CA GLY A 262 -0.45 -37.48 9.71
C GLY A 262 0.75 -37.63 8.80
N ASN A 263 0.88 -36.71 7.85
CA ASN A 263 1.97 -36.72 6.89
C ASN A 263 3.17 -35.93 7.40
N LYS A 264 4.36 -36.45 7.16
CA LYS A 264 5.58 -35.75 7.56
C LYS A 264 6.40 -35.40 6.33
N LYS A 265 6.13 -36.08 5.23
CA LYS A 265 6.81 -35.83 3.97
C LYS A 265 6.42 -34.47 3.40
N LYS A 266 5.12 -34.18 3.45
CA LYS A 266 4.60 -32.92 2.93
C LYS A 266 4.56 -31.84 4.01
N ALA A 267 4.67 -32.26 5.27
CA ALA A 267 4.72 -31.31 6.37
C ALA A 267 6.11 -30.65 6.45
N THR A 268 7.13 -31.43 6.10
CA THR A 268 8.49 -30.91 6.07
C THR A 268 8.68 -29.92 4.94
N GLU A 269 8.15 -30.24 3.76
CA GLU A 269 8.33 -29.40 2.58
C GLU A 269 7.60 -28.07 2.74
N ASN A 270 6.51 -28.06 3.52
CA ASN A 270 5.77 -26.84 3.77
C ASN A 270 6.53 -25.93 4.73
N TYR A 271 7.20 -26.53 5.70
CA TYR A 271 8.10 -25.80 6.57
C TYR A 271 9.27 -25.25 5.76
N ASP A 272 9.81 -26.11 4.89
CA ASP A 272 10.95 -25.76 4.05
C ASP A 272 10.68 -24.53 3.18
N LYS A 273 9.50 -24.49 2.56
CA LYS A 273 9.16 -23.37 1.69
C LYS A 273 8.94 -22.09 2.48
N ALA A 274 8.61 -22.23 3.75
CA ALA A 274 8.41 -21.09 4.64
C ALA A 274 9.75 -20.53 5.11
N ILE A 275 10.68 -21.44 5.42
CA ILE A 275 12.01 -21.05 5.87
C ILE A 275 12.77 -20.35 4.74
N MET A 276 12.62 -20.87 3.52
CA MET A 276 13.26 -20.29 2.35
C MET A 276 12.72 -18.90 2.07
N PHE A 277 11.40 -18.75 2.19
CA PHE A 277 10.74 -17.47 1.97
C PHE A 277 11.16 -16.47 3.03
N ALA A 278 11.27 -16.93 4.27
CA ALA A 278 11.71 -16.09 5.37
C ALA A 278 13.14 -15.62 5.17
N SER A 279 13.91 -16.40 4.40
CA SER A 279 15.30 -16.07 4.12
C SER A 279 15.43 -15.00 3.04
N VAL A 280 14.65 -15.13 1.97
CA VAL A 280 14.73 -14.19 0.86
C VAL A 280 14.13 -12.84 1.22
N LEU A 281 13.30 -12.82 2.27
CA LEU A 281 12.72 -11.59 2.77
C LEU A 281 13.68 -10.89 3.73
N GLU A 282 14.80 -11.56 4.00
CA GLU A 282 15.84 -11.03 4.89
C GLU A 282 15.29 -10.75 6.30
N ASP A 283 14.23 -11.45 6.67
CA ASP A 283 13.63 -11.29 7.99
C ASP A 283 14.26 -12.28 8.96
N SER A 284 15.16 -11.78 9.81
CA SER A 284 15.92 -12.63 10.72
C SER A 284 15.05 -13.26 11.79
N VAL A 285 14.23 -12.45 12.46
CA VAL A 285 13.40 -12.94 13.56
C VAL A 285 12.33 -13.92 13.06
N LEU A 286 11.87 -13.72 11.83
CA LEU A 286 10.88 -14.61 11.22
C LEU A 286 11.51 -15.98 11.00
N GLU A 287 12.67 -15.99 10.35
CA GLU A 287 13.35 -17.21 9.97
C GLU A 287 13.68 -18.10 11.17
N GLU A 288 14.27 -17.50 12.21
CA GLU A 288 14.70 -18.25 13.37
C GLU A 288 13.52 -18.80 14.18
N LYS A 289 12.37 -18.16 14.06
CA LYS A 289 11.18 -18.60 14.78
C LYS A 289 10.44 -19.71 14.06
N THR A 290 10.31 -19.59 12.74
CA THR A 290 9.57 -20.57 11.95
C THR A 290 10.34 -21.88 11.81
N ARG A 291 11.66 -21.81 11.91
CA ARG A 291 12.49 -23.01 11.81
C ARG A 291 12.64 -23.65 13.17
N ALA A 292 12.32 -22.90 14.22
CA ALA A 292 12.30 -23.43 15.58
C ALA A 292 11.04 -24.25 15.78
N GLU A 293 9.96 -23.83 15.12
CA GLU A 293 8.71 -24.58 15.15
C GLU A 293 8.83 -25.88 14.37
N LYS A 294 9.75 -25.90 13.41
CA LYS A 294 10.01 -27.12 12.66
C LYS A 294 10.63 -28.18 13.56
N ALA A 295 11.65 -27.77 14.31
CA ALA A 295 12.31 -28.67 15.26
C ALA A 295 11.39 -29.03 16.41
N ALA A 296 10.50 -28.11 16.76
CA ALA A 296 9.55 -28.33 17.85
C ALA A 296 8.54 -29.42 17.49
N ASP A 297 8.25 -29.53 16.19
CA ASP A 297 7.33 -30.55 15.70
C ASP A 297 8.05 -31.82 15.30
N GLY A 298 9.25 -32.01 15.83
CA GLY A 298 10.03 -33.22 15.57
C GLY A 298 10.50 -33.36 14.14
N LEU A 299 11.02 -32.27 13.57
CA LEU A 299 11.53 -32.28 12.20
C LEU A 299 12.96 -31.72 12.15
N GLY A 300 13.59 -31.86 10.99
CA GLY A 300 14.95 -31.39 10.82
C GLY A 300 15.08 -29.88 10.88
N ILE B 72 -19.84 13.91 -6.55
CA ILE B 72 -19.94 12.61 -7.20
C ILE B 72 -18.91 11.64 -6.63
N GLU B 73 -19.33 10.40 -6.42
CA GLU B 73 -18.45 9.37 -5.87
C GLU B 73 -18.21 8.26 -6.88
N ILE B 74 -17.12 7.52 -6.69
CA ILE B 74 -16.76 6.42 -7.58
C ILE B 74 -16.94 5.09 -6.86
N PRO B 75 -17.65 4.15 -7.50
CA PRO B 75 -17.92 2.83 -6.92
C PRO B 75 -16.65 2.01 -6.69
N ASP B 76 -16.72 1.03 -5.80
CA ASP B 76 -15.55 0.24 -5.41
C ASP B 76 -15.09 -0.70 -6.52
N THR B 77 -15.95 -0.93 -7.49
CA THR B 77 -15.65 -1.83 -8.60
C THR B 77 -14.47 -1.32 -9.42
N TYR B 78 -14.39 0.01 -9.57
CA TYR B 78 -13.31 0.63 -10.33
C TYR B 78 -11.96 0.42 -9.67
N TYR B 79 -11.91 0.58 -8.35
CA TYR B 79 -10.66 0.44 -7.60
C TYR B 79 -10.17 -1.00 -7.60
N GLU B 80 -11.09 -1.94 -7.79
CA GLU B 80 -10.72 -3.35 -7.88
C GLU B 80 -9.98 -3.63 -9.19
N MET B 81 -10.57 -3.18 -10.29
CA MET B 81 -10.00 -3.37 -11.61
C MET B 81 -8.74 -2.52 -11.79
N LYS B 82 -8.67 -1.42 -11.05
CA LYS B 82 -7.50 -0.55 -11.09
C LYS B 82 -6.34 -1.18 -10.33
N ASN B 83 -6.63 -1.74 -9.16
CA ASN B 83 -5.62 -2.41 -8.35
C ASN B 83 -5.04 -3.61 -9.08
N ARG B 84 -5.90 -4.29 -9.84
CA ARG B 84 -5.47 -5.39 -10.70
C ARG B 84 -4.59 -4.86 -11.83
N LEU B 85 -4.82 -3.61 -12.21
CA LEU B 85 -4.15 -3.02 -13.37
C LEU B 85 -2.79 -2.40 -13.02
N ILE B 86 -2.48 -2.28 -11.73
CA ILE B 86 -1.24 -1.62 -11.33
C ILE B 86 -0.37 -2.47 -10.39
N LYS B 87 -0.97 -3.44 -9.72
CA LYS B 87 -0.23 -4.28 -8.78
C LYS B 87 0.23 -5.60 -9.40
N PHE B 88 -0.06 -5.78 -10.69
CA PHE B 88 0.33 -7.00 -11.38
C PHE B 88 1.29 -6.70 -12.53
N PRO B 89 2.60 -6.72 -12.23
CA PRO B 89 3.64 -6.47 -13.24
C PRO B 89 3.60 -7.51 -14.36
N THR B 90 3.72 -7.04 -15.60
CA THR B 90 3.67 -7.94 -16.75
C THR B 90 5.07 -8.35 -17.20
N TYR B 91 6.06 -7.52 -16.85
CA TYR B 91 7.45 -7.75 -17.21
C TYR B 91 7.64 -7.91 -18.72
N GLY B 92 6.79 -7.24 -19.50
CA GLY B 92 6.89 -7.28 -20.94
C GLY B 92 6.37 -8.56 -21.56
N ASP B 93 5.63 -9.35 -20.77
CA ASP B 93 5.05 -10.59 -21.27
C ASP B 93 3.91 -10.29 -22.23
N LYS B 94 3.95 -10.93 -23.40
CA LYS B 94 2.97 -10.69 -24.45
C LYS B 94 1.55 -11.02 -24.02
N GLU B 95 1.39 -12.14 -23.32
CA GLU B 95 0.07 -12.57 -22.87
C GLU B 95 -0.46 -11.68 -21.77
N ARG B 96 0.40 -11.31 -20.83
CA ARG B 96 0.00 -10.47 -19.71
C ARG B 96 -0.36 -9.06 -20.18
N VAL B 97 0.43 -8.52 -21.10
CA VAL B 97 0.15 -7.20 -21.66
C VAL B 97 -1.22 -7.19 -22.34
N LYS B 98 -1.52 -8.28 -23.05
CA LYS B 98 -2.79 -8.41 -23.77
C LYS B 98 -3.99 -8.39 -22.83
N GLN B 99 -3.90 -9.14 -21.73
CA GLN B 99 -5.03 -9.27 -20.81
C GLN B 99 -5.27 -7.97 -20.03
N LYS B 100 -4.21 -7.19 -19.83
CA LYS B 100 -4.34 -5.90 -19.17
C LYS B 100 -5.04 -4.93 -20.10
N LEU B 101 -4.62 -4.93 -21.36
CA LEU B 101 -5.23 -4.08 -22.39
C LEU B 101 -6.71 -4.42 -22.57
N ASP B 102 -7.03 -5.71 -22.56
CA ASP B 102 -8.40 -6.16 -22.63
C ASP B 102 -9.20 -5.68 -21.42
N LEU B 103 -8.52 -5.63 -20.28
CA LEU B 103 -9.14 -5.13 -19.06
C LEU B 103 -9.36 -3.61 -19.13
N ILE B 104 -8.38 -2.89 -19.66
CA ILE B 104 -8.41 -1.41 -19.75
C ILE B 104 -9.61 -0.95 -20.55
N GLU B 105 -9.82 -1.63 -21.68
CA GLU B 105 -10.93 -1.36 -22.60
C GLU B 105 -12.26 -1.68 -21.95
N ASP B 106 -12.26 -2.67 -21.06
CA ASP B 106 -13.45 -3.11 -20.36
C ASP B 106 -13.79 -2.09 -19.29
N VAL B 107 -12.75 -1.59 -18.63
CA VAL B 107 -12.92 -0.52 -17.64
C VAL B 107 -13.34 0.78 -18.34
N TYR B 108 -12.80 1.00 -19.53
CA TYR B 108 -13.09 2.22 -20.29
C TYR B 108 -14.58 2.38 -20.58
N ASN B 109 -15.17 1.44 -21.29
CA ASN B 109 -16.57 1.55 -21.69
C ASN B 109 -17.54 1.56 -20.51
N GLN B 110 -17.18 0.86 -19.43
CA GLN B 110 -18.06 0.75 -18.27
C GLN B 110 -18.04 2.00 -17.39
N PHE B 111 -16.85 2.58 -17.21
CA PHE B 111 -16.69 3.70 -16.29
C PHE B 111 -16.33 5.01 -16.99
N PHE B 112 -16.69 5.10 -18.28
CA PHE B 112 -16.45 6.31 -19.05
C PHE B 112 -17.38 7.44 -18.60
N ASP B 113 -18.50 7.06 -18.00
CA ASP B 113 -19.55 8.02 -17.65
C ASP B 113 -19.43 8.57 -16.23
N ILE B 114 -18.42 8.13 -15.48
CA ILE B 114 -18.30 8.51 -14.08
C ILE B 114 -16.97 9.17 -13.73
N LEU B 115 -15.88 8.55 -14.17
CA LEU B 115 -14.53 8.96 -13.78
C LEU B 115 -14.18 10.39 -14.21
N PRO B 116 -13.48 11.13 -13.32
CA PRO B 116 -12.97 12.47 -13.61
C PRO B 116 -11.91 12.45 -14.70
N GLU B 117 -11.53 13.63 -15.20
CA GLU B 117 -10.56 13.73 -16.29
C GLU B 117 -9.16 13.31 -15.84
N GLU B 118 -8.91 13.35 -14.54
CA GLU B 118 -7.63 12.92 -13.99
C GLU B 118 -7.46 11.42 -14.15
N GLU B 119 -8.52 10.67 -13.83
CA GLU B 119 -8.50 9.23 -13.97
C GLU B 119 -8.51 8.82 -15.45
N LEU B 120 -9.21 9.60 -16.26
CA LEU B 120 -9.24 9.38 -17.70
C LEU B 120 -7.84 9.53 -18.29
N LEU B 121 -7.08 10.48 -17.75
CA LEU B 121 -5.71 10.69 -18.17
C LEU B 121 -4.81 9.54 -17.74
N THR B 122 -5.08 9.01 -16.54
CA THR B 122 -4.31 7.90 -15.99
C THR B 122 -4.39 6.66 -16.87
N LEU B 123 -5.60 6.30 -17.27
CA LEU B 123 -5.82 5.13 -18.12
C LEU B 123 -5.26 5.36 -19.52
N ASP B 124 -5.29 6.62 -19.96
CA ASP B 124 -4.80 6.99 -21.29
C ASP B 124 -3.31 6.72 -21.42
N ILE B 125 -2.55 7.06 -20.38
CA ILE B 125 -1.09 6.90 -20.42
C ILE B 125 -0.68 5.44 -20.31
N LEU B 126 -1.31 4.70 -19.40
CA LEU B 126 -0.98 3.30 -19.16
C LEU B 126 -1.10 2.45 -20.43
N GLU B 127 -2.08 2.77 -21.26
CA GLU B 127 -2.28 2.04 -22.51
C GLU B 127 -1.06 2.19 -23.41
N ASN B 128 -0.62 3.43 -23.61
CA ASN B 128 0.56 3.70 -24.43
C ASN B 128 1.83 3.11 -23.84
N ILE B 129 1.86 3.01 -22.50
CA ILE B 129 3.01 2.42 -21.81
C ILE B 129 3.08 0.92 -22.05
N LEU B 130 1.94 0.24 -21.89
CA LEU B 130 1.88 -1.21 -22.02
C LEU B 130 1.92 -1.64 -23.49
N SER B 131 1.29 -0.86 -24.36
CA SER B 131 1.21 -1.19 -25.78
C SER B 131 2.43 -0.70 -26.55
N PHE B 132 3.46 -0.29 -25.80
CA PHE B 132 4.68 0.23 -26.41
C PHE B 132 5.47 -0.88 -27.11
N THR B 133 5.93 -0.60 -28.31
CA THR B 133 6.75 -1.56 -29.07
C THR B 133 8.14 -0.98 -29.30
N SER B 134 8.28 -0.24 -30.40
CA SER B 134 9.54 0.45 -30.70
C SER B 134 9.31 1.96 -30.72
N TRP B 135 10.40 2.72 -30.76
CA TRP B 135 10.32 4.18 -30.64
C TRP B 135 9.76 4.85 -31.88
N GLU B 136 9.61 4.12 -32.98
CA GLU B 136 9.08 4.71 -34.20
C GLU B 136 7.64 4.31 -34.44
N GLU B 137 7.27 3.11 -34.01
CA GLU B 137 5.88 2.66 -34.08
C GLU B 137 5.04 3.46 -33.09
N ARG B 138 5.67 3.88 -32.01
CA ARG B 138 5.03 4.74 -31.03
C ARG B 138 5.59 6.15 -31.10
N PRO B 139 4.70 7.15 -31.27
CA PRO B 139 5.08 8.56 -31.49
C PRO B 139 5.86 9.17 -30.33
N LYS B 140 6.47 10.32 -30.56
CA LYS B 140 7.24 11.01 -29.54
C LYS B 140 6.33 11.50 -28.41
N VAL B 141 6.90 11.61 -27.22
CA VAL B 141 6.15 12.03 -26.04
C VAL B 141 5.73 13.49 -26.16
N GLU B 142 6.52 14.28 -26.89
CA GLU B 142 6.21 15.69 -27.10
C GLU B 142 5.00 15.86 -28.03
N GLU B 143 4.71 14.84 -28.82
CA GLU B 143 3.60 14.88 -29.75
C GLU B 143 2.27 14.63 -29.06
N ILE B 144 2.24 13.62 -28.19
CA ILE B 144 1.02 13.22 -27.50
C ILE B 144 0.65 14.17 -26.37
N TYR B 145 1.61 14.42 -25.47
CA TYR B 145 1.37 15.29 -24.33
C TYR B 145 2.29 16.50 -24.34
N GLU B 146 2.15 17.36 -25.35
CA GLU B 146 2.97 18.56 -25.43
C GLU B 146 2.69 19.51 -24.27
N ASP B 147 1.40 19.76 -24.03
CA ASP B 147 0.97 20.63 -22.95
C ASP B 147 1.40 20.10 -21.59
N LEU B 148 1.45 18.78 -21.47
CA LEU B 148 1.74 18.15 -20.18
C LEU B 148 3.23 17.93 -19.95
N PHE B 149 3.98 17.76 -21.04
CA PHE B 149 5.42 17.51 -20.92
C PHE B 149 6.20 18.78 -20.58
N GLU B 150 5.91 19.86 -21.29
CA GLU B 150 6.56 21.14 -21.01
C GLU B 150 6.08 21.70 -19.68
N GLN B 151 4.99 21.15 -19.18
CA GLN B 151 4.48 21.52 -17.86
C GLN B 151 5.34 20.88 -16.78
N VAL B 152 5.87 19.70 -17.08
CA VAL B 152 6.67 18.92 -16.15
C VAL B 152 7.96 19.64 -15.77
N LYS B 153 8.67 20.14 -16.78
CA LYS B 153 9.96 20.80 -16.59
C LYS B 153 9.90 21.93 -15.56
N ARG B 154 8.80 22.67 -15.59
CA ARG B 154 8.66 23.84 -14.72
C ARG B 154 8.26 23.46 -13.30
N LYS B 155 7.43 22.44 -13.17
CA LYS B 155 6.89 22.10 -11.85
C LYS B 155 7.96 21.71 -10.84
N LYS B 156 7.53 21.48 -9.61
CA LYS B 156 8.45 21.14 -8.54
C LYS B 156 8.09 19.79 -7.93
N LYS B 157 6.81 19.45 -8.04
CA LYS B 157 6.29 18.23 -7.45
C LYS B 157 5.39 17.48 -8.43
N PHE B 158 5.71 16.21 -8.67
CA PHE B 158 4.94 15.42 -9.62
C PHE B 158 3.69 14.84 -8.99
N SER B 159 2.67 14.63 -9.81
CA SER B 159 1.48 13.89 -9.40
C SER B 159 1.58 12.47 -9.93
N THR B 160 0.59 11.63 -9.61
CA THR B 160 0.61 10.23 -10.04
C THR B 160 0.61 10.13 -11.56
N ASN B 161 -0.10 11.07 -12.19
CA ASN B 161 -0.22 11.15 -13.64
C ASN B 161 1.03 11.74 -14.29
N ASP B 162 1.70 12.64 -13.57
CA ASP B 162 2.93 13.25 -14.09
C ASP B 162 4.02 12.20 -14.21
N LEU B 163 4.13 11.36 -13.18
CA LEU B 163 5.12 10.29 -13.17
C LEU B 163 4.90 9.34 -14.35
N LEU B 164 3.65 9.15 -14.73
CA LEU B 164 3.30 8.27 -15.83
C LEU B 164 3.78 8.82 -17.17
N VAL B 165 3.76 10.15 -17.30
CA VAL B 165 4.23 10.82 -18.50
C VAL B 165 5.76 10.70 -18.60
N ILE B 166 6.42 10.85 -17.46
CA ILE B 166 7.86 10.70 -17.38
C ILE B 166 8.28 9.28 -17.75
N ASP B 167 7.41 8.32 -17.40
CA ASP B 167 7.67 6.91 -17.71
C ASP B 167 7.72 6.69 -19.22
N TYR B 168 6.68 7.17 -19.91
CA TYR B 168 6.62 7.07 -21.37
C TYR B 168 7.80 7.81 -22.00
N TYR B 169 8.22 8.90 -21.35
CA TYR B 169 9.39 9.65 -21.80
C TYR B 169 10.64 8.80 -21.71
N PHE B 170 10.75 8.00 -20.65
CA PHE B 170 11.88 7.11 -20.48
C PHE B 170 11.78 5.91 -21.43
N TYR B 171 10.55 5.41 -21.61
CA TYR B 171 10.28 4.32 -22.54
C TYR B 171 10.68 4.70 -23.96
N HIS B 172 10.55 5.98 -24.27
CA HIS B 172 10.84 6.49 -25.60
C HIS B 172 12.30 6.90 -25.73
N LEU B 173 13.08 6.65 -24.68
CA LEU B 173 14.48 7.06 -24.64
C LEU B 173 15.43 5.87 -24.67
N TYR B 174 14.89 4.66 -24.60
CA TYR B 174 15.71 3.46 -24.61
C TYR B 174 16.03 3.04 -26.05
N GLY B 175 17.31 2.84 -26.32
CA GLY B 175 17.75 2.43 -27.64
C GLY B 175 18.00 3.61 -28.57
N ARG B 176 17.89 4.82 -28.01
CA ARG B 176 18.13 6.04 -28.77
C ARG B 176 19.26 6.85 -28.15
N LYS B 177 19.95 7.63 -28.96
CA LYS B 177 21.10 8.38 -28.47
C LYS B 177 20.97 9.88 -28.72
N GLN B 178 19.76 10.34 -29.03
CA GLN B 178 19.50 11.77 -29.04
C GLN B 178 19.62 12.31 -27.63
N TYR B 179 20.58 13.20 -27.42
CA TYR B 179 20.92 13.61 -26.06
C TYR B 179 20.46 15.02 -25.72
N ASP B 180 19.66 15.11 -24.66
CA ASP B 180 19.36 16.38 -24.01
C ASP B 180 19.61 16.16 -22.53
N LYS B 181 20.86 15.81 -22.21
CA LYS B 181 21.27 15.41 -20.87
C LYS B 181 20.77 16.35 -19.78
N LYS B 182 20.91 17.65 -20.04
CA LYS B 182 20.51 18.68 -19.08
C LYS B 182 19.03 18.56 -18.72
N ILE B 183 18.20 18.19 -19.70
CA ILE B 183 16.78 17.97 -19.45
C ILE B 183 16.56 16.66 -18.71
N PHE B 184 17.22 15.60 -19.19
CA PHE B 184 17.10 14.29 -18.57
C PHE B 184 17.61 14.29 -17.14
N ASP B 185 18.78 14.88 -16.93
CA ASP B 185 19.37 14.96 -15.60
C ASP B 185 18.53 15.81 -14.65
N ARG B 186 17.92 16.86 -15.18
CA ARG B 186 17.10 17.75 -14.36
C ARG B 186 15.82 17.04 -13.95
N ILE B 187 15.29 16.20 -14.83
CA ILE B 187 14.11 15.40 -14.53
C ILE B 187 14.47 14.32 -13.50
N VAL B 188 15.61 13.67 -13.72
CA VAL B 188 16.11 12.65 -12.79
C VAL B 188 16.32 13.22 -11.39
N ASP B 189 16.94 14.39 -11.32
CA ASP B 189 17.21 15.04 -10.05
C ASP B 189 15.92 15.36 -9.31
N ARG B 190 14.92 15.80 -10.06
CA ARG B 190 13.63 16.12 -9.47
C ARG B 190 12.98 14.86 -8.91
N VAL B 191 12.84 13.84 -9.76
CA VAL B 191 12.26 12.55 -9.37
C VAL B 191 12.92 11.94 -8.14
N LEU B 192 14.26 11.99 -8.10
CA LEU B 192 15.00 11.35 -7.02
C LEU B 192 14.90 12.10 -5.69
N LYS B 193 14.21 13.24 -5.70
CA LYS B 193 14.09 14.07 -4.51
C LYS B 193 12.66 14.09 -3.99
N GLN B 194 11.75 13.41 -4.69
CA GLN B 194 10.36 13.36 -4.27
C GLN B 194 10.19 12.63 -2.94
N ASN B 195 9.29 13.15 -2.12
CA ASN B 195 8.90 12.48 -0.89
C ASN B 195 8.06 11.25 -1.22
N ILE B 196 8.22 10.22 -0.39
CA ILE B 196 7.49 8.98 -0.55
C ILE B 196 6.29 8.94 0.38
N PRO B 197 5.08 9.02 -0.19
CA PRO B 197 3.81 9.08 0.55
C PRO B 197 3.28 7.70 0.93
N THR B 198 2.00 7.66 1.31
CA THR B 198 1.34 6.43 1.69
C THR B 198 0.52 5.87 0.53
N ASP B 199 0.45 6.62 -0.56
CA ASP B 199 -0.29 6.19 -1.75
C ASP B 199 0.50 5.14 -2.52
N ASP B 200 -0.04 3.93 -2.60
CA ASP B 200 0.62 2.84 -3.30
C ASP B 200 0.71 3.11 -4.81
N ALA B 201 -0.38 3.64 -5.36
CA ALA B 201 -0.45 3.96 -6.79
C ALA B 201 0.64 4.95 -7.19
N TYR B 202 0.93 5.92 -6.33
CA TYR B 202 1.98 6.89 -6.60
C TYR B 202 3.35 6.24 -6.50
N ASN B 203 3.50 5.34 -5.52
CA ASN B 203 4.77 4.66 -5.30
C ASN B 203 5.14 3.72 -6.45
N ILE B 204 4.15 2.99 -6.96
CA ILE B 204 4.36 2.09 -8.08
C ILE B 204 4.84 2.85 -9.31
N ALA B 205 4.19 3.97 -9.61
CA ALA B 205 4.58 4.81 -10.73
C ALA B 205 5.97 5.40 -10.51
N LEU B 206 6.24 5.83 -9.29
CA LEU B 206 7.55 6.34 -8.91
C LEU B 206 8.60 5.24 -9.04
N PHE B 207 8.29 4.08 -8.50
CA PHE B 207 9.17 2.92 -8.57
C PHE B 207 9.49 2.56 -10.01
N ASN B 208 8.46 2.57 -10.85
CA ASN B 208 8.61 2.23 -12.26
C ASN B 208 9.48 3.25 -12.98
N ASP B 209 9.37 4.50 -12.58
CA ASP B 209 10.21 5.56 -13.13
C ASP B 209 11.68 5.32 -12.77
N LEU B 210 11.92 5.04 -11.50
CA LEU B 210 13.27 4.78 -11.01
C LEU B 210 13.87 3.56 -11.70
N MET B 211 13.01 2.59 -12.02
CA MET B 211 13.41 1.43 -12.80
C MET B 211 13.83 1.86 -14.20
N ALA B 212 13.04 2.74 -14.79
CA ALA B 212 13.29 3.23 -16.14
C ALA B 212 14.55 4.11 -16.18
N ILE B 213 14.78 4.86 -15.10
CA ILE B 213 15.97 5.69 -15.00
C ILE B 213 17.24 4.84 -15.01
N ALA B 214 17.36 3.96 -14.02
CA ALA B 214 18.53 3.12 -13.86
C ALA B 214 18.80 2.25 -15.09
N GLY B 215 17.72 1.77 -15.72
CA GLY B 215 17.83 0.96 -16.92
C GLY B 215 18.47 1.74 -18.06
N LEU B 216 18.24 3.05 -18.08
CA LEU B 216 18.84 3.91 -19.09
C LEU B 216 20.29 4.23 -18.75
N LYS B 217 20.60 4.31 -17.46
CA LYS B 217 21.95 4.59 -17.01
C LYS B 217 22.90 3.46 -17.40
N ILE B 218 22.37 2.25 -17.47
CA ILE B 218 23.16 1.07 -17.81
C ILE B 218 23.51 1.02 -19.29
N SER B 219 22.57 1.44 -20.13
CA SER B 219 22.74 1.40 -21.58
C SER B 219 23.96 2.18 -22.04
N LEU B 220 24.02 3.46 -21.71
CA LEU B 220 25.16 4.30 -22.08
C LEU B 220 26.26 4.20 -21.03
N GLU B 221 26.03 3.37 -20.01
CA GLU B 221 26.97 3.19 -18.91
C GLU B 221 27.30 4.51 -18.20
N SER B 222 26.34 5.44 -18.24
CA SER B 222 26.49 6.72 -17.55
C SER B 222 25.95 6.61 -16.14
N PHE B 223 26.79 6.16 -15.22
CA PHE B 223 26.36 5.91 -13.84
C PHE B 223 26.46 7.16 -12.97
N LYS B 224 25.81 8.24 -13.42
CA LYS B 224 25.73 9.46 -12.63
C LYS B 224 24.69 9.30 -11.52
N ASP B 225 25.15 9.26 -10.28
CA ASP B 225 24.28 9.07 -9.12
C ASP B 225 23.42 7.81 -9.28
N PHE B 226 24.02 6.75 -9.80
CA PHE B 226 23.31 5.51 -10.03
C PHE B 226 22.97 4.82 -8.72
N LEU B 227 23.89 4.88 -7.76
CA LEU B 227 23.66 4.29 -6.45
C LEU B 227 22.58 5.04 -5.70
N THR B 228 22.41 6.33 -6.02
CA THR B 228 21.36 7.14 -5.43
C THR B 228 19.99 6.62 -5.87
N VAL B 229 19.93 6.13 -7.10
CA VAL B 229 18.69 5.59 -7.65
C VAL B 229 18.24 4.34 -6.90
N ILE B 230 19.15 3.38 -6.76
CA ILE B 230 18.83 2.12 -6.10
C ILE B 230 18.67 2.30 -4.60
N ASP B 231 19.24 3.36 -4.04
CA ASP B 231 19.09 3.66 -2.62
C ASP B 231 17.67 4.11 -2.32
N LYS B 232 17.19 5.10 -3.08
CA LYS B 232 15.81 5.58 -2.95
C LYS B 232 14.82 4.49 -3.34
N LEU B 233 15.24 3.64 -4.28
CA LEU B 233 14.42 2.50 -4.70
C LEU B 233 14.07 1.59 -3.54
N LEU B 234 15.06 1.28 -2.70
CA LEU B 234 14.84 0.42 -1.54
C LEU B 234 14.03 1.12 -0.47
N ALA B 235 14.03 2.45 -0.50
CA ALA B 235 13.20 3.23 0.42
C ALA B 235 11.73 3.09 0.04
N VAL B 236 11.46 3.03 -1.25
CA VAL B 236 10.11 2.78 -1.75
C VAL B 236 9.68 1.37 -1.36
N ILE B 237 10.63 0.44 -1.41
CA ILE B 237 10.37 -0.96 -1.09
C ILE B 237 9.89 -1.13 0.35
N GLU B 238 10.57 -0.46 1.28
CA GLU B 238 10.26 -0.60 2.70
C GLU B 238 9.03 0.19 3.11
N LYS B 239 8.90 1.41 2.59
CA LYS B 239 7.79 2.29 2.95
C LYS B 239 6.45 1.75 2.49
N SER B 240 6.45 1.06 1.35
CA SER B 240 5.22 0.54 0.78
C SER B 240 5.12 -0.97 0.91
N GLN B 241 6.16 -1.59 1.46
CA GLN B 241 6.23 -3.03 1.65
C GLN B 241 6.01 -3.81 0.35
N PHE B 242 6.53 -3.25 -0.74
CA PHE B 242 6.44 -3.91 -2.05
C PHE B 242 7.60 -4.89 -2.22
N HIS B 243 7.59 -5.96 -1.44
CA HIS B 243 8.65 -6.96 -1.48
C HIS B 243 8.64 -7.72 -2.81
N SER B 244 7.50 -7.70 -3.48
CA SER B 244 7.34 -8.36 -4.78
C SER B 244 8.14 -7.65 -5.86
N TYR B 245 8.53 -6.40 -5.59
CA TYR B 245 9.27 -5.60 -6.57
C TYR B 245 10.77 -5.65 -6.31
N LYS B 246 11.17 -6.28 -5.22
CA LYS B 246 12.57 -6.33 -4.81
C LYS B 246 13.54 -7.07 -5.76
N PRO B 247 13.06 -8.14 -6.45
CA PRO B 247 13.98 -8.75 -7.43
C PRO B 247 14.48 -7.80 -8.52
N GLY B 248 13.71 -6.77 -8.82
CA GLY B 248 14.09 -5.81 -9.83
C GLY B 248 15.35 -5.03 -9.47
N VAL B 249 15.52 -4.79 -8.18
CA VAL B 249 16.70 -4.06 -7.69
C VAL B 249 17.94 -4.94 -7.71
N TYR B 250 17.75 -6.23 -7.40
CA TYR B 250 18.84 -7.19 -7.40
C TYR B 250 19.48 -7.30 -8.79
N ILE B 251 18.65 -7.16 -9.82
CA ILE B 251 19.14 -7.16 -11.19
C ILE B 251 20.00 -5.93 -11.45
N LEU B 252 19.50 -4.77 -11.01
CA LEU B 252 20.23 -3.52 -11.17
C LEU B 252 21.53 -3.54 -10.37
N GLU B 253 21.48 -4.13 -9.18
CA GLU B 253 22.67 -4.27 -8.34
C GLU B 253 23.65 -5.25 -8.97
N ALA B 254 23.15 -6.13 -9.83
CA ALA B 254 23.98 -7.08 -10.54
C ALA B 254 24.65 -6.44 -11.74
N LYS B 255 23.86 -5.70 -12.52
CA LYS B 255 24.37 -5.00 -13.69
C LYS B 255 25.48 -4.02 -13.31
N TYR B 256 25.28 -3.32 -12.20
CA TYR B 256 26.25 -2.33 -11.72
C TYR B 256 27.57 -2.99 -11.34
N GLU B 257 27.50 -4.08 -10.59
CA GLU B 257 28.69 -4.81 -10.19
C GLU B 257 29.37 -5.46 -11.39
N LEU B 258 28.58 -5.80 -12.40
CA LEU B 258 29.09 -6.47 -13.59
C LEU B 258 29.79 -5.49 -14.53
N ILE B 259 29.31 -4.24 -14.56
CA ILE B 259 29.83 -3.25 -15.49
C ILE B 259 30.73 -2.22 -14.80
N HIS B 260 30.17 -1.47 -13.86
CA HIS B 260 30.90 -0.40 -13.19
C HIS B 260 32.08 -0.93 -12.37
N ASN B 261 31.87 -2.04 -11.68
CA ASN B 261 32.93 -2.66 -10.89
C ASN B 261 33.55 -3.86 -11.58
N GLY B 262 32.80 -4.47 -12.50
CA GLY B 262 33.29 -5.59 -13.27
C GLY B 262 33.27 -6.91 -12.50
N ASN B 263 32.80 -6.86 -11.26
CA ASN B 263 32.73 -8.05 -10.42
C ASN B 263 31.69 -9.03 -10.94
N LYS B 264 32.15 -10.07 -11.63
CA LYS B 264 31.25 -11.04 -12.25
C LYS B 264 30.70 -12.03 -11.22
N LYS B 265 31.41 -12.18 -10.11
CA LYS B 265 31.01 -13.16 -9.09
C LYS B 265 30.10 -12.55 -8.03
N LYS B 266 30.08 -11.23 -7.96
CA LYS B 266 29.15 -10.54 -7.06
C LYS B 266 27.91 -10.14 -7.85
N ALA B 267 28.02 -10.18 -9.18
CA ALA B 267 26.90 -9.90 -10.05
C ALA B 267 26.01 -11.13 -10.21
N THR B 268 26.63 -12.31 -10.12
CA THR B 268 25.89 -13.56 -10.22
C THR B 268 25.21 -13.89 -8.90
N GLU B 269 25.73 -13.31 -7.82
CA GLU B 269 25.09 -13.44 -6.50
C GLU B 269 23.79 -12.67 -6.48
N ASN B 270 23.85 -11.40 -6.91
CA ASN B 270 22.66 -10.57 -7.00
C ASN B 270 21.67 -11.12 -8.02
N TYR B 271 22.18 -11.79 -9.05
CA TYR B 271 21.34 -12.46 -10.03
C TYR B 271 20.61 -13.64 -9.41
N ASP B 272 21.36 -14.49 -8.70
CA ASP B 272 20.78 -15.65 -8.05
C ASP B 272 19.78 -15.26 -6.97
N LYS B 273 20.00 -14.12 -6.33
CA LYS B 273 19.09 -13.60 -5.33
C LYS B 273 17.72 -13.31 -5.94
N ALA B 274 17.73 -12.84 -7.19
CA ALA B 274 16.49 -12.50 -7.88
C ALA B 274 15.78 -13.74 -8.39
N ILE B 275 16.55 -14.71 -8.90
CA ILE B 275 15.98 -15.94 -9.44
C ILE B 275 15.28 -16.74 -8.36
N MET B 276 15.93 -16.88 -7.20
CA MET B 276 15.35 -17.61 -6.08
C MET B 276 14.12 -16.90 -5.55
N PHE B 277 14.11 -15.58 -5.67
CA PHE B 277 12.98 -14.77 -5.24
C PHE B 277 11.78 -14.99 -6.15
N ALA B 278 12.05 -15.15 -7.44
CA ALA B 278 10.99 -15.34 -8.43
C ALA B 278 10.36 -16.71 -8.30
N SER B 279 11.16 -17.70 -7.93
CA SER B 279 10.67 -19.07 -7.79
C SER B 279 9.80 -19.23 -6.56
N VAL B 280 10.16 -18.53 -5.49
CA VAL B 280 9.40 -18.60 -4.25
C VAL B 280 8.14 -17.75 -4.34
N LEU B 281 8.03 -16.97 -5.41
CA LEU B 281 6.85 -16.17 -5.68
C LEU B 281 5.90 -16.90 -6.63
N GLU B 282 6.28 -18.11 -7.02
CA GLU B 282 5.52 -18.93 -7.97
C GLU B 282 5.27 -18.18 -9.29
N ASP B 283 6.23 -17.36 -9.69
CA ASP B 283 6.13 -16.63 -10.94
C ASP B 283 7.02 -17.27 -12.00
N SER B 284 6.40 -18.03 -12.90
CA SER B 284 7.14 -18.71 -13.96
C SER B 284 7.65 -17.71 -14.99
N VAL B 285 6.86 -16.68 -15.26
CA VAL B 285 7.22 -15.66 -16.25
C VAL B 285 8.45 -14.87 -15.83
N LEU B 286 8.42 -14.32 -14.62
CA LEU B 286 9.53 -13.52 -14.11
C LEU B 286 10.81 -14.35 -13.98
N GLU B 287 10.64 -15.62 -13.59
CA GLU B 287 11.78 -16.49 -13.35
C GLU B 287 12.56 -16.79 -14.64
N GLU B 288 11.85 -17.13 -15.70
CA GLU B 288 12.50 -17.44 -16.97
C GLU B 288 13.06 -16.19 -17.63
N LYS B 289 12.49 -15.04 -17.29
CA LYS B 289 12.96 -13.76 -17.81
C LYS B 289 14.31 -13.39 -17.22
N THR B 290 14.43 -13.50 -15.89
CA THR B 290 15.65 -13.12 -15.20
C THR B 290 16.74 -14.17 -15.35
N ARG B 291 16.34 -15.41 -15.61
CA ARG B 291 17.31 -16.48 -15.85
C ARG B 291 17.94 -16.33 -17.22
N ALA B 292 17.13 -15.96 -18.22
CA ALA B 292 17.63 -15.73 -19.56
C ALA B 292 18.51 -14.48 -19.60
N GLU B 293 18.20 -13.52 -18.73
CA GLU B 293 18.98 -12.31 -18.62
C GLU B 293 20.37 -12.61 -18.07
N LYS B 294 20.43 -13.57 -17.15
CA LYS B 294 21.70 -14.02 -16.59
C LYS B 294 22.54 -14.68 -17.68
N ALA B 295 21.88 -15.42 -18.56
CA ALA B 295 22.55 -16.07 -19.67
C ALA B 295 22.86 -15.06 -20.77
N ALA B 296 22.07 -13.99 -20.83
CA ALA B 296 22.26 -12.93 -21.81
C ALA B 296 23.56 -12.18 -21.51
N ASP B 297 23.91 -12.10 -20.23
CA ASP B 297 25.15 -11.46 -19.82
C ASP B 297 26.30 -12.46 -19.88
N GLY B 298 25.98 -13.72 -20.09
CA GLY B 298 26.97 -14.77 -20.20
C GLY B 298 27.48 -15.24 -18.85
N LEU B 299 26.57 -15.76 -18.03
CA LEU B 299 26.94 -16.25 -16.70
C LEU B 299 26.39 -17.65 -16.46
N GLY B 300 25.41 -18.05 -17.27
CA GLY B 300 24.82 -19.37 -17.15
C GLY B 300 23.32 -19.36 -17.39
N VAL C 1 -0.10 -17.87 22.93
CA VAL C 1 -0.36 -17.54 21.53
C VAL C 1 0.91 -17.69 20.69
N PRO C 2 0.83 -18.49 19.60
CA PRO C 2 1.98 -18.72 18.73
C PRO C 2 2.41 -17.47 17.97
N PHE C 3 3.66 -17.44 17.52
CA PHE C 3 4.23 -16.25 16.90
C PHE C 3 3.58 -15.92 15.55
N PHE C 4 3.12 -16.94 14.84
CA PHE C 4 2.57 -16.75 13.50
C PHE C 4 1.10 -16.33 13.53
N MET C 5 0.60 -16.02 14.72
CA MET C 5 -0.74 -15.48 14.85
C MET C 5 -0.70 -13.96 14.95
N ILE C 6 0.43 -13.43 15.40
CA ILE C 6 0.60 -11.98 15.51
C ILE C 6 1.18 -11.40 14.23
N TYR C 7 0.29 -10.98 13.33
CA TYR C 7 0.72 -10.30 12.11
C TYR C 7 0.50 -8.81 12.25
N TYR C 8 0.68 -8.31 13.47
CA TYR C 8 0.58 -6.88 13.76
C TYR C 8 1.80 -6.39 14.52
N VAL D 1 13.30 -1.79 -24.95
CA VAL D 1 13.14 -1.76 -23.50
C VAL D 1 13.11 -3.18 -22.94
N PRO D 2 13.98 -3.45 -21.95
CA PRO D 2 14.09 -4.77 -21.31
C PRO D 2 12.87 -5.13 -20.48
N PHE D 3 12.87 -6.33 -19.91
CA PHE D 3 11.73 -6.84 -19.16
C PHE D 3 11.66 -6.25 -17.75
N PHE D 4 12.81 -5.88 -17.20
CA PHE D 4 12.86 -5.38 -15.82
C PHE D 4 12.58 -3.88 -15.75
N MET D 5 11.97 -3.34 -16.81
CA MET D 5 11.52 -1.95 -16.82
C MET D 5 10.01 -1.88 -16.95
N ILE D 6 9.39 -3.03 -17.22
CA ILE D 6 7.95 -3.12 -17.36
C ILE D 6 7.32 -3.61 -16.06
N TYR D 7 7.29 -2.75 -15.04
CA TYR D 7 6.68 -3.12 -13.77
C TYR D 7 5.22 -2.69 -13.72
N TYR D 8 4.58 -2.67 -14.88
CA TYR D 8 3.15 -2.39 -14.97
C TYR D 8 2.44 -3.53 -15.69
#